data_3AQG
#
_entry.id   3AQG
#
_cell.length_a   61.390
_cell.length_b   66.631
_cell.length_c   67.585
_cell.angle_alpha   90
_cell.angle_beta   90
_cell.angle_gamma   90
#
_symmetry.space_group_name_H-M   'P 21 21 21'
#
loop_
_entity.id
_entity.type
_entity.pdbx_description
1 polymer 'Zymogen granule protein 16 homolog B'
2 non-polymer 'PHOSPHATE ION'
3 water water
#
_entity_poly.entity_id   1
_entity_poly.type   'polypeptide(L)'
_entity_poly.pdbx_seq_one_letter_code
;GSGKMYGPGGGKYFSTTEDYDHEITGLRVSVGLLLVKSVQVKLGDSWDVKLGALGGNTQEVTLQPGEYITKVFVAFQAFL
RGMVMYTSKDRYFYFGKLDGQISSAYPSQEGQVLVGIYGQYQLLGIKSIGFEWNYPLEEPTTEPPVNLTYSANSPVGR
;
_entity_poly.pdbx_strand_id   A,B
#
loop_
_chem_comp.id
_chem_comp.type
_chem_comp.name
_chem_comp.formula
PO4 non-polymer 'PHOSPHATE ION' 'O4 P -3'
#
# COMPACT_ATOMS: atom_id res chain seq x y z
N LYS A 4 -7.78 -26.00 -7.17
CA LYS A 4 -8.64 -25.07 -6.38
C LYS A 4 -7.87 -24.36 -5.24
N MET A 5 -7.77 -24.96 -4.06
CA MET A 5 -7.29 -24.21 -2.90
C MET A 5 -5.91 -24.61 -2.37
N TYR A 6 -4.99 -23.67 -2.34
CA TYR A 6 -3.59 -23.97 -1.99
C TYR A 6 -3.16 -23.37 -0.67
N GLY A 7 -2.35 -24.10 0.08
CA GLY A 7 -1.84 -23.68 1.37
C GLY A 7 -2.36 -24.44 2.59
N PRO A 8 -1.87 -24.09 3.80
CA PRO A 8 -2.36 -24.72 5.03
C PRO A 8 -3.78 -24.27 5.38
N GLY A 9 -4.13 -23.05 4.95
CA GLY A 9 -5.49 -22.53 5.15
C GLY A 9 -5.83 -22.18 6.59
N GLY A 10 -7.12 -22.00 6.84
CA GLY A 10 -7.61 -21.40 8.06
C GLY A 10 -7.59 -19.92 7.78
N GLY A 11 -8.58 -19.18 8.28
CA GLY A 11 -8.60 -17.72 8.12
C GLY A 11 -9.95 -17.16 7.76
N LYS A 12 -9.97 -15.92 7.27
CA LYS A 12 -11.17 -15.29 6.76
C LYS A 12 -11.16 -15.46 5.26
N TYR A 13 -12.27 -15.92 4.71
CA TYR A 13 -12.32 -16.23 3.28
C TYR A 13 -12.49 -14.94 2.48
N PHE A 14 -11.72 -14.82 1.40
CA PHE A 14 -11.97 -13.75 0.44
C PHE A 14 -12.12 -14.34 -0.94
N SER A 15 -12.68 -13.54 -1.84
CA SER A 15 -12.71 -13.81 -3.27
C SER A 15 -12.85 -12.49 -4.03
N THR A 16 -12.12 -12.33 -5.13
CA THR A 16 -12.26 -11.08 -5.93
C THR A 16 -13.61 -11.00 -6.67
N THR A 17 -14.08 -9.78 -6.86
CA THR A 17 -15.35 -9.54 -7.54
C THR A 17 -15.29 -10.04 -8.99
N GLU A 18 -16.22 -10.93 -9.36
CA GLU A 18 -16.25 -11.56 -10.71
C GLU A 18 -17.42 -11.07 -11.56
N ASP A 19 -17.08 -10.52 -12.71
CA ASP A 19 -17.95 -9.61 -13.40
C ASP A 19 -18.12 -9.97 -14.86
N TYR A 20 -19.33 -9.86 -15.40
CA TYR A 20 -19.42 -9.85 -16.86
C TYR A 20 -19.31 -8.40 -17.34
N ASP A 21 -18.94 -8.22 -18.61
CA ASP A 21 -18.70 -6.87 -19.19
C ASP A 21 -17.38 -6.24 -18.72
N HIS A 22 -16.72 -6.85 -17.74
CA HIS A 22 -15.47 -6.31 -17.16
C HIS A 22 -14.50 -7.43 -16.84
N GLU A 23 -13.27 -7.31 -17.34
CA GLU A 23 -12.21 -8.25 -16.92
C GLU A 23 -11.04 -7.62 -16.19
N ILE A 24 -10.24 -8.50 -15.57
CA ILE A 24 -8.98 -8.15 -14.95
C ILE A 24 -8.09 -7.44 -15.98
N THR A 25 -7.82 -6.16 -15.72
CA THR A 25 -6.98 -5.35 -16.61
C THR A 25 -5.64 -5.09 -15.96
N GLY A 26 -5.59 -5.28 -14.63
CA GLY A 26 -4.37 -5.12 -13.83
C GLY A 26 -4.48 -5.77 -12.45
N LEU A 27 -3.44 -5.61 -11.63
CA LEU A 27 -3.34 -6.26 -10.32
C LEU A 27 -2.25 -5.63 -9.42
N ARG A 28 -2.44 -5.78 -8.10
CA ARG A 28 -1.54 -5.26 -7.09
C ARG A 28 -1.40 -6.26 -5.97
N VAL A 29 -0.17 -6.60 -5.59
CA VAL A 29 -0.01 -7.49 -4.47
C VAL A 29 0.83 -6.79 -3.41
N SER A 30 0.35 -6.85 -2.17
CA SER A 30 1.08 -6.28 -1.04
C SER A 30 1.96 -7.31 -0.34
N VAL A 31 3.24 -7.02 -0.26
CA VAL A 31 4.20 -7.91 0.33
C VAL A 31 4.87 -7.12 1.44
N GLY A 32 4.91 -7.67 2.64
CA GLY A 32 5.64 -7.05 3.75
C GLY A 32 7.12 -7.34 3.54
N LEU A 33 7.87 -7.48 4.62
CA LEU A 33 9.23 -8.00 4.51
C LEU A 33 9.28 -9.42 3.94
N LEU A 34 8.32 -10.28 4.31
CA LEU A 34 8.32 -11.69 3.90
C LEU A 34 7.07 -12.16 3.16
N LEU A 35 5.91 -11.85 3.74
CA LEU A 35 4.66 -12.46 3.35
C LEU A 35 3.84 -11.59 2.43
N VAL A 36 3.20 -12.22 1.46
CA VAL A 36 2.16 -11.61 0.65
C VAL A 36 0.92 -11.34 1.51
N LYS A 37 0.71 -10.07 1.79
CA LYS A 37 -0.38 -9.66 2.68
C LYS A 37 -1.79 -9.58 2.05
N SER A 38 -1.91 -9.06 0.83
CA SER A 38 -3.22 -8.76 0.23
C SER A 38 -3.17 -8.57 -1.26
N VAL A 39 -4.27 -8.88 -1.93
CA VAL A 39 -4.34 -8.70 -3.39
C VAL A 39 -5.50 -7.80 -3.83
N GLN A 40 -5.36 -7.23 -5.02
CA GLN A 40 -6.32 -6.25 -5.55
C GLN A 40 -6.35 -6.18 -7.09
N VAL A 41 -7.48 -6.57 -7.67
CA VAL A 41 -7.60 -6.59 -9.12
C VAL A 41 -8.26 -5.30 -9.62
N LYS A 42 -7.81 -4.83 -10.78
CA LYS A 42 -8.53 -3.79 -11.47
C LYS A 42 -9.43 -4.49 -12.47
N LEU A 43 -10.69 -4.10 -12.49
CA LEU A 43 -11.73 -4.64 -13.38
C LEU A 43 -12.20 -3.56 -14.32
N GLY A 44 -11.67 -3.58 -15.52
CA GLY A 44 -11.95 -2.49 -16.44
C GLY A 44 -11.22 -1.24 -15.98
N ASP A 45 -11.98 -0.15 -15.82
CA ASP A 45 -11.45 1.17 -15.46
C ASP A 45 -11.69 1.50 -13.96
N SER A 46 -11.51 0.51 -13.10
CA SER A 46 -11.83 0.62 -11.66
C SER A 46 -11.17 -0.51 -10.87
N TRP A 47 -10.49 -0.13 -9.78
CA TRP A 47 -9.87 -1.11 -8.90
C TRP A 47 -10.95 -1.72 -8.05
N ASP A 48 -10.91 -3.05 -7.97
CA ASP A 48 -11.87 -3.81 -7.20
C ASP A 48 -11.47 -3.64 -5.74
N VAL A 49 -12.40 -3.98 -4.86
CA VAL A 49 -12.12 -4.01 -3.44
C VAL A 49 -10.76 -4.72 -3.21
N LYS A 50 -10.00 -4.27 -2.22
CA LYS A 50 -8.71 -4.87 -1.85
C LYS A 50 -8.89 -5.95 -0.79
N LEU A 51 -8.52 -7.19 -1.12
CA LEU A 51 -8.75 -8.30 -0.20
C LEU A 51 -7.49 -8.87 0.45
N GLY A 52 -7.54 -8.96 1.78
CA GLY A 52 -6.51 -9.63 2.58
C GLY A 52 -5.91 -8.81 3.73
N ALA A 53 -4.91 -9.38 4.39
CA ALA A 53 -4.17 -8.72 5.48
C ALA A 53 -3.69 -7.34 5.09
N LEU A 54 -3.67 -6.42 6.06
CA LEU A 54 -3.23 -5.04 5.81
C LEU A 54 -1.71 -4.97 5.89
N GLY A 55 -1.15 -3.98 5.22
CA GLY A 55 0.29 -3.71 5.31
C GLY A 55 1.10 -4.27 4.17
N GLY A 56 2.30 -3.74 4.01
CA GLY A 56 3.25 -4.20 3.02
C GLY A 56 3.47 -3.13 1.98
N ASN A 57 4.34 -3.45 1.04
CA ASN A 57 4.53 -2.66 -0.16
C ASN A 57 3.76 -3.28 -1.30
N THR A 58 3.15 -2.41 -2.08
CA THR A 58 2.21 -2.82 -3.09
C THR A 58 2.86 -2.67 -4.45
N GLN A 59 3.04 -3.80 -5.14
CA GLN A 59 3.46 -3.81 -6.54
C GLN A 59 2.23 -3.73 -7.47
N GLU A 60 2.24 -2.76 -8.37
CA GLU A 60 1.21 -2.64 -9.41
C GLU A 60 1.68 -3.14 -10.78
N VAL A 61 0.81 -3.88 -11.45
CA VAL A 61 1.13 -4.55 -12.68
C VAL A 61 -0.05 -4.24 -13.58
N THR A 62 0.21 -3.95 -14.85
CA THR A 62 -0.85 -3.58 -15.80
C THR A 62 -0.83 -4.41 -17.10
N LEU A 63 -1.85 -5.23 -17.28
CA LEU A 63 -2.02 -5.98 -18.52
C LEU A 63 -2.29 -5.06 -19.70
N GLN A 64 -1.63 -5.34 -20.81
CA GLN A 64 -1.99 -4.70 -22.06
C GLN A 64 -3.31 -5.31 -22.58
N PRO A 65 -4.07 -4.53 -23.36
CA PRO A 65 -5.32 -5.06 -23.94
C PRO A 65 -5.03 -6.37 -24.68
N GLY A 66 -5.81 -7.43 -24.38
CA GLY A 66 -5.64 -8.73 -25.03
C GLY A 66 -4.69 -9.67 -24.29
N GLU A 67 -4.13 -9.19 -23.19
CA GLU A 67 -3.17 -9.94 -22.40
C GLU A 67 -3.86 -10.54 -21.16
N TYR A 68 -3.69 -11.85 -20.95
CA TYR A 68 -4.40 -12.54 -19.91
C TYR A 68 -3.41 -13.27 -19.06
N ILE A 69 -3.78 -13.53 -17.80
CA ILE A 69 -3.01 -14.42 -16.94
C ILE A 69 -3.45 -15.85 -17.21
N THR A 70 -2.49 -16.73 -17.51
CA THR A 70 -2.85 -18.07 -17.93
C THR A 70 -2.32 -19.21 -17.04
N LYS A 71 -1.59 -18.85 -15.97
CA LYS A 71 -0.87 -19.78 -15.09
C LYS A 71 -0.28 -19.01 -13.91
N VAL A 72 -0.16 -19.66 -12.77
CA VAL A 72 0.32 -18.97 -11.56
C VAL A 72 1.01 -19.96 -10.64
N PHE A 73 2.23 -19.64 -10.26
CA PHE A 73 2.93 -20.43 -9.25
C PHE A 73 2.92 -19.65 -7.96
N VAL A 74 2.86 -20.40 -6.88
CA VAL A 74 2.49 -19.90 -5.58
C VAL A 74 3.33 -20.73 -4.60
N ALA A 75 3.99 -20.08 -3.64
CA ALA A 75 4.81 -20.79 -2.63
C ALA A 75 4.35 -20.49 -1.19
N PHE A 76 4.21 -21.54 -0.39
CA PHE A 76 3.64 -21.43 0.96
C PHE A 76 4.56 -22.01 2.03
N GLN A 77 4.43 -21.46 3.25
CA GLN A 77 5.38 -21.65 4.32
C GLN A 77 4.73 -21.23 5.65
N ALA A 78 3.54 -21.73 5.94
CA ALA A 78 2.70 -21.16 7.03
C ALA A 78 1.95 -19.94 6.53
N PHE A 79 2.61 -19.19 5.63
CA PHE A 79 2.02 -18.05 4.96
C PHE A 79 2.54 -17.97 3.53
N LEU A 80 1.70 -17.45 2.64
CA LEU A 80 2.05 -17.21 1.24
C LEU A 80 3.27 -16.29 1.13
N ARG A 81 4.41 -16.86 0.74
CA ARG A 81 5.67 -16.13 0.60
C ARG A 81 5.84 -15.43 -0.73
N GLY A 82 5.35 -16.05 -1.79
CA GLY A 82 5.65 -15.61 -3.15
C GLY A 82 4.71 -16.16 -4.20
N MET A 83 4.62 -15.43 -5.32
CA MET A 83 3.72 -15.72 -6.41
C MET A 83 4.24 -15.24 -7.75
N VAL A 84 4.24 -16.14 -8.74
CA VAL A 84 4.63 -15.80 -10.13
C VAL A 84 3.43 -16.01 -11.05
N MET A 85 3.10 -15.00 -11.82
CA MET A 85 2.02 -15.07 -12.79
C MET A 85 2.63 -14.93 -14.18
N TYR A 86 2.20 -15.81 -15.11
CA TYR A 86 2.62 -15.75 -16.50
C TYR A 86 1.42 -15.43 -17.33
N THR A 87 1.61 -14.66 -18.41
CA THR A 87 0.52 -14.21 -19.26
C THR A 87 0.64 -14.77 -20.66
N SER A 88 -0.44 -14.56 -21.43
CA SER A 88 -0.54 -14.95 -22.85
C SER A 88 0.34 -14.10 -23.80
N LYS A 89 1.02 -13.09 -23.27
CA LYS A 89 1.96 -12.34 -24.11
C LYS A 89 3.43 -12.65 -23.80
N ASP A 90 3.70 -13.84 -23.27
CA ASP A 90 5.06 -14.22 -22.84
C ASP A 90 5.65 -13.18 -21.86
N ARG A 91 4.86 -12.83 -20.86
CA ARG A 91 5.25 -11.90 -19.83
C ARG A 91 4.99 -12.51 -18.46
N TYR A 92 5.95 -12.37 -17.54
CA TYR A 92 5.84 -12.86 -16.14
C TYR A 92 5.84 -11.73 -15.08
N PHE A 93 5.15 -11.96 -13.97
CA PHE A 93 5.17 -11.00 -12.88
C PHE A 93 5.52 -11.73 -11.63
N TYR A 94 6.62 -11.32 -11.01
CA TYR A 94 7.14 -11.93 -9.79
C TYR A 94 6.72 -11.03 -8.61
N PHE A 95 6.11 -11.64 -7.60
CA PHE A 95 5.83 -10.99 -6.32
C PHE A 95 6.37 -11.85 -5.18
N GLY A 96 7.20 -11.26 -4.33
CA GLY A 96 7.70 -11.92 -3.13
C GLY A 96 8.83 -12.82 -3.57
N LYS A 97 9.01 -13.91 -2.84
CA LYS A 97 10.01 -14.89 -3.24
C LYS A 97 9.32 -16.23 -3.23
N LEU A 98 9.58 -17.01 -4.27
CA LEU A 98 9.05 -18.35 -4.36
C LEU A 98 9.77 -19.29 -3.40
N ASP A 99 9.55 -19.13 -2.10
CA ASP A 99 10.15 -20.12 -1.21
C ASP A 99 9.19 -20.70 -0.16
N GLY A 100 9.18 -22.03 -0.07
CA GLY A 100 8.18 -22.77 0.65
C GLY A 100 7.78 -23.95 -0.21
N GLN A 101 6.48 -24.28 -0.24
CA GLN A 101 5.97 -25.30 -1.13
C GLN A 101 5.35 -24.72 -2.42
N ILE A 102 6.11 -24.78 -3.52
CA ILE A 102 5.62 -24.32 -4.83
C ILE A 102 4.40 -25.14 -5.29
N SER A 103 3.40 -24.45 -5.85
CA SER A 103 2.23 -25.11 -6.43
C SER A 103 1.77 -24.42 -7.70
N SER A 104 1.33 -25.23 -8.65
CA SER A 104 0.92 -24.75 -9.96
C SER A 104 -0.59 -24.68 -10.12
N ALA A 105 -1.05 -23.48 -10.49
CA ALA A 105 -2.42 -23.24 -10.87
C ALA A 105 -2.46 -22.94 -12.36
N TYR A 106 -3.29 -23.68 -13.08
CA TYR A 106 -3.55 -23.46 -14.53
C TYR A 106 -4.96 -23.90 -14.89
N PRO A 107 -5.51 -23.35 -16.00
CA PRO A 107 -6.77 -23.90 -16.49
C PRO A 107 -6.64 -25.34 -17.04
N SER A 108 -7.62 -26.16 -16.69
CA SER A 108 -7.72 -27.52 -17.16
C SER A 108 -8.16 -27.53 -18.63
N GLN A 109 -8.65 -26.38 -19.09
CA GLN A 109 -9.11 -26.18 -20.48
C GLN A 109 -8.36 -25.09 -21.24
N GLU A 110 -8.38 -25.17 -22.56
CA GLU A 110 -7.61 -24.28 -23.45
C GLU A 110 -8.28 -22.93 -23.72
N GLY A 111 -7.48 -21.87 -23.64
CA GLY A 111 -7.95 -20.51 -23.86
C GLY A 111 -8.63 -19.88 -22.66
N GLN A 112 -8.78 -20.66 -21.59
CA GLN A 112 -9.27 -20.10 -20.34
C GLN A 112 -8.16 -19.24 -19.67
N VAL A 113 -8.59 -18.25 -18.89
CA VAL A 113 -7.67 -17.24 -18.36
C VAL A 113 -8.13 -16.82 -16.97
N LEU A 114 -7.28 -16.14 -16.22
CA LEU A 114 -7.66 -15.74 -14.85
C LEU A 114 -8.83 -14.74 -14.78
N VAL A 115 -9.88 -15.14 -14.06
CA VAL A 115 -11.09 -14.32 -13.90
C VAL A 115 -11.29 -13.92 -12.44
N GLY A 116 -10.75 -14.73 -11.53
CA GLY A 116 -10.74 -14.35 -10.11
C GLY A 116 -9.61 -14.92 -9.28
N ILE A 117 -9.53 -14.44 -8.04
CA ILE A 117 -8.61 -14.97 -7.03
C ILE A 117 -9.40 -15.09 -5.74
N TYR A 118 -9.17 -16.15 -5.01
CA TYR A 118 -9.86 -16.35 -3.73
C TYR A 118 -8.91 -17.05 -2.72
N GLY A 119 -9.30 -17.05 -1.46
CA GLY A 119 -8.54 -17.83 -0.50
C GLY A 119 -8.92 -17.58 0.93
N GLN A 120 -7.93 -17.73 1.80
CA GLN A 120 -8.08 -17.40 3.22
C GLN A 120 -6.84 -16.67 3.70
N TYR A 121 -7.09 -15.71 4.60
CA TYR A 121 -6.05 -14.90 5.18
C TYR A 121 -6.33 -14.64 6.66
N GLN A 122 -5.26 -14.40 7.44
CA GLN A 122 -5.35 -13.94 8.82
C GLN A 122 -4.57 -12.63 9.01
N LEU A 123 -4.28 -12.29 10.26
CA LEU A 123 -3.77 -10.97 10.59
C LEU A 123 -2.39 -10.71 9.99
N LEU A 124 -1.64 -11.77 9.77
CA LEU A 124 -0.22 -11.68 9.40
C LEU A 124 0.05 -11.73 7.89
N GLY A 125 -0.99 -12.03 7.10
CA GLY A 125 -0.86 -12.35 5.68
C GLY A 125 -1.78 -13.51 5.26
N ILE A 126 -1.56 -14.03 4.05
CA ILE A 126 -2.47 -14.99 3.44
C ILE A 126 -2.11 -16.45 3.73
N LYS A 127 -3.10 -17.22 4.12
CA LYS A 127 -2.90 -18.58 4.60
C LYS A 127 -3.19 -19.61 3.50
N SER A 128 -3.73 -19.11 2.38
CA SER A 128 -4.41 -19.96 1.39
C SER A 128 -4.83 -19.18 0.17
N ILE A 129 -4.57 -19.71 -1.01
CA ILE A 129 -4.95 -19.02 -2.24
C ILE A 129 -5.36 -19.98 -3.37
N GLY A 130 -6.19 -19.48 -4.27
CA GLY A 130 -6.65 -20.23 -5.41
C GLY A 130 -7.13 -19.27 -6.45
N PHE A 131 -7.43 -19.81 -7.63
CA PHE A 131 -7.64 -19.02 -8.85
C PHE A 131 -8.81 -19.55 -9.67
N GLU A 132 -9.64 -18.64 -10.18
CA GLU A 132 -10.77 -19.02 -11.04
C GLU A 132 -10.43 -18.80 -12.48
N TRP A 133 -10.53 -19.88 -13.25
CA TRP A 133 -10.23 -19.81 -14.68
C TRP A 133 -11.52 -19.77 -15.48
N ASN A 134 -11.52 -19.01 -16.56
CA ASN A 134 -12.65 -18.99 -17.47
C ASN A 134 -12.34 -18.19 -18.70
N TYR A 135 -13.09 -18.47 -19.75
CA TYR A 135 -12.97 -17.77 -21.00
C TYR A 135 -13.27 -16.27 -20.85
N PRO A 136 -12.50 -15.42 -21.53
CA PRO A 136 -12.78 -14.00 -21.66
C PRO A 136 -14.21 -13.66 -22.13
N LYS B 4 4.06 24.77 7.88
CA LYS B 4 2.74 25.47 7.92
C LYS B 4 1.68 24.66 7.19
N MET B 5 1.22 25.18 6.04
CA MET B 5 0.46 24.33 5.13
C MET B 5 0.81 24.61 3.69
N TYR B 6 1.55 23.67 3.11
CA TYR B 6 2.07 23.73 1.74
C TYR B 6 1.13 23.00 0.83
N GLY B 7 0.97 23.50 -0.39
CA GLY B 7 0.08 22.89 -1.35
C GLY B 7 -0.92 23.93 -1.84
N PRO B 8 -1.52 23.69 -3.02
CA PRO B 8 -2.54 24.56 -3.56
C PRO B 8 -3.78 24.63 -2.66
N GLY B 9 -4.06 23.55 -1.92
CA GLY B 9 -5.19 23.51 -0.99
C GLY B 9 -6.59 23.41 -1.59
N GLY B 10 -7.58 23.21 -0.73
CA GLY B 10 -8.96 23.05 -1.18
C GLY B 10 -9.51 21.70 -0.78
N GLY B 11 -10.63 21.70 -0.06
CA GLY B 11 -11.29 20.43 0.31
C GLY B 11 -11.29 20.08 1.78
N LYS B 12 -11.71 18.85 2.11
CA LYS B 12 -11.87 18.39 3.51
C LYS B 12 -10.54 18.29 4.25
N TYR B 13 -10.53 18.76 5.50
CA TYR B 13 -9.33 18.80 6.34
C TYR B 13 -9.03 17.41 6.90
N PHE B 14 -7.78 17.13 7.28
CA PHE B 14 -7.50 15.88 8.00
C PHE B 14 -6.34 16.08 8.97
N SER B 15 -6.22 15.22 9.97
CA SER B 15 -5.08 15.25 10.87
C SER B 15 -4.85 13.89 11.51
N THR B 16 -3.66 13.71 12.07
CA THR B 16 -3.33 12.52 12.87
C THR B 16 -3.79 12.74 14.31
N THR B 17 -4.32 11.67 14.93
CA THR B 17 -4.62 11.65 16.37
C THR B 17 -3.31 11.87 17.11
N GLU B 18 -3.34 12.59 18.23
CA GLU B 18 -2.06 12.96 18.83
C GLU B 18 -1.49 12.04 19.87
N ASP B 19 -2.28 11.66 20.88
CA ASP B 19 -1.73 10.82 21.97
C ASP B 19 -0.75 11.52 22.94
N TYR B 20 0.25 12.24 22.39
CA TYR B 20 1.27 12.98 23.16
C TYR B 20 2.20 12.07 23.99
N ASP B 21 1.68 10.92 24.41
CA ASP B 21 2.42 9.95 25.25
C ASP B 21 2.86 8.75 24.44
N HIS B 22 2.34 8.63 23.22
CA HIS B 22 2.77 7.58 22.30
C HIS B 22 3.57 8.15 21.14
N GLU B 23 4.71 7.53 20.85
CA GLU B 23 5.58 7.97 19.76
C GLU B 23 5.19 7.43 18.37
N ILE B 24 5.80 7.99 17.34
CA ILE B 24 5.58 7.58 15.96
C ILE B 24 6.49 6.40 15.62
N THR B 25 5.91 5.26 15.26
CA THR B 25 6.69 4.03 15.08
C THR B 25 6.73 3.49 13.64
N GLY B 26 5.95 4.10 12.76
CA GLY B 26 5.78 3.61 11.40
C GLY B 26 4.87 4.49 10.58
N LEU B 27 4.74 4.14 9.30
CA LEU B 27 4.00 4.96 8.34
C LEU B 27 3.57 4.15 7.14
N ARG B 28 2.40 4.50 6.60
CA ARG B 28 1.88 3.93 5.36
C ARG B 28 1.44 5.07 4.48
N VAL B 29 2.07 5.19 3.31
CA VAL B 29 1.66 6.17 2.33
C VAL B 29 1.23 5.45 1.07
N SER B 30 0.01 5.70 0.59
CA SER B 30 -0.41 5.14 -0.71
C SER B 30 -0.28 6.11 -1.89
N VAL B 31 0.41 5.61 -2.91
CA VAL B 31 0.88 6.37 -4.04
C VAL B 31 0.28 5.80 -5.33
N GLY B 32 -0.31 6.69 -6.13
CA GLY B 32 -1.09 6.28 -7.28
C GLY B 32 -0.42 6.57 -8.61
N LEU B 33 0.88 6.31 -8.65
CA LEU B 33 1.64 6.46 -9.88
C LEU B 33 1.62 7.87 -10.52
N LEU B 34 0.91 8.83 -9.90
CA LEU B 34 0.93 10.24 -10.33
C LEU B 34 0.59 11.24 -9.21
N LEU B 35 -0.06 10.75 -8.15
CA LEU B 35 -0.48 11.58 -7.02
C LEU B 35 -0.40 10.73 -5.76
N VAL B 36 0.06 11.32 -4.65
CA VAL B 36 -0.05 10.66 -3.34
C VAL B 36 -1.47 10.77 -2.86
N LYS B 37 -2.08 9.62 -2.54
CA LYS B 37 -3.48 9.55 -2.14
C LYS B 37 -3.72 9.69 -0.60
N SER B 38 -2.92 8.99 0.21
CA SER B 38 -3.15 8.98 1.67
C SER B 38 -1.88 8.80 2.54
N VAL B 39 -1.98 9.21 3.81
CA VAL B 39 -0.93 8.99 4.82
C VAL B 39 -1.53 8.36 6.09
N GLN B 40 -0.78 7.46 6.72
CA GLN B 40 -1.22 6.82 7.96
C GLN B 40 -0.02 6.55 8.87
N VAL B 41 -0.06 7.09 10.09
CA VAL B 41 1.01 6.89 11.06
C VAL B 41 0.69 5.76 12.02
N LYS B 42 1.74 5.14 12.56
CA LYS B 42 1.61 4.24 13.67
C LYS B 42 2.20 4.89 14.92
N LEU B 43 1.47 4.74 16.02
CA LEU B 43 1.87 5.29 17.30
C LEU B 43 1.94 4.14 18.34
N GLY B 44 3.15 3.69 18.64
CA GLY B 44 3.36 2.59 19.59
C GLY B 44 3.14 1.25 18.92
N ASP B 45 2.10 0.52 19.33
CA ASP B 45 1.76 -0.74 18.68
C ASP B 45 0.43 -0.66 17.99
N SER B 46 -0.16 0.52 17.98
CA SER B 46 -1.49 0.68 17.42
C SER B 46 -1.33 1.67 16.28
N TRP B 47 -1.92 1.31 15.14
CA TRP B 47 -1.95 2.15 13.94
C TRP B 47 -2.98 3.28 14.04
N ASP B 48 -2.58 4.50 13.63
CA ASP B 48 -3.53 5.60 13.63
C ASP B 48 -4.48 5.46 12.42
N VAL B 49 -5.55 6.24 12.36
CA VAL B 49 -6.49 6.10 11.25
C VAL B 49 -5.85 6.59 9.93
N LYS B 50 -6.14 5.88 8.84
CA LYS B 50 -5.72 6.20 7.47
C LYS B 50 -6.33 7.52 7.02
N LEU B 51 -5.55 8.42 6.45
CA LEU B 51 -6.03 9.79 6.23
C LEU B 51 -5.99 10.26 4.79
N GLY B 52 -7.15 10.59 4.23
CA GLY B 52 -7.21 11.23 2.91
C GLY B 52 -8.06 10.52 1.87
N ALA B 53 -7.50 10.32 0.68
CA ALA B 53 -8.25 9.74 -0.43
C ALA B 53 -8.07 8.23 -0.53
N LEU B 54 -9.10 7.53 -1.02
CA LEU B 54 -8.98 6.08 -1.28
C LEU B 54 -8.09 5.86 -2.50
N GLY B 55 -7.56 4.63 -2.62
CA GLY B 55 -6.73 4.22 -3.76
C GLY B 55 -5.22 4.25 -3.56
N GLY B 56 -4.50 4.02 -4.66
CA GLY B 56 -3.04 4.02 -4.65
C GLY B 56 -2.46 2.66 -4.30
N ASN B 57 -1.13 2.55 -4.39
CA ASN B 57 -0.40 1.44 -3.78
C ASN B 57 0.20 1.86 -2.44
N THR B 58 -0.38 1.36 -1.36
CA THR B 58 0.21 1.60 -0.04
C THR B 58 1.63 1.03 0.01
N GLN B 59 2.55 1.84 0.54
CA GLN B 59 3.94 1.47 0.78
C GLN B 59 4.22 1.79 2.23
N GLU B 60 4.73 0.81 2.96
CA GLU B 60 4.86 0.93 4.40
C GLU B 60 6.32 1.01 4.83
N VAL B 61 6.54 1.78 5.89
CA VAL B 61 7.86 2.03 6.42
C VAL B 61 7.75 2.01 7.95
N THR B 62 8.73 1.38 8.60
CA THR B 62 8.77 1.19 10.05
C THR B 62 10.05 1.80 10.65
N LEU B 63 9.90 2.67 11.63
CA LEU B 63 11.03 3.34 12.29
C LEU B 63 11.67 2.50 13.40
N GLN B 64 13.01 2.52 13.43
CA GLN B 64 13.82 1.88 14.47
C GLN B 64 13.62 2.53 15.86
N PRO B 65 13.75 1.74 16.95
CA PRO B 65 13.53 2.34 18.28
C PRO B 65 14.47 3.52 18.50
N GLY B 66 13.91 4.67 18.90
CA GLY B 66 14.69 5.88 19.06
C GLY B 66 15.07 6.58 17.76
N GLU B 67 14.46 6.14 16.64
CA GLU B 67 14.67 6.79 15.36
C GLU B 67 13.51 7.76 15.05
N TYR B 68 13.81 9.04 14.93
CA TYR B 68 12.78 10.04 14.76
C TYR B 68 12.92 10.72 13.38
N ILE B 69 11.84 11.30 12.87
CA ILE B 69 11.87 12.07 11.63
C ILE B 69 12.16 13.53 11.90
N THR B 70 13.15 14.08 11.20
CA THR B 70 13.59 15.43 11.48
C THR B 70 13.34 16.46 10.36
N LYS B 71 12.95 15.98 9.18
CA LYS B 71 12.69 16.86 8.04
C LYS B 71 11.82 16.15 7.00
N VAL B 72 10.99 16.91 6.31
CA VAL B 72 10.19 16.38 5.22
C VAL B 72 10.21 17.35 4.05
N PHE B 73 10.64 16.87 2.87
CA PHE B 73 10.43 17.58 1.62
C PHE B 73 9.10 17.12 1.03
N VAL B 74 8.41 18.02 0.36
CA VAL B 74 7.07 17.75 -0.14
C VAL B 74 6.88 18.46 -1.46
N ALA B 75 6.29 17.76 -2.43
CA ALA B 75 6.25 18.22 -3.83
C ALA B 75 4.82 18.18 -4.37
N PHE B 76 4.43 19.25 -5.06
CA PHE B 76 3.03 19.46 -5.43
C PHE B 76 2.81 19.93 -6.86
N GLN B 77 1.85 19.29 -7.53
CA GLN B 77 1.31 19.81 -8.77
C GLN B 77 -0.21 19.54 -8.84
N ALA B 78 -1.00 20.49 -8.33
CA ALA B 78 -2.44 20.31 -8.13
C ALA B 78 -2.73 19.34 -7.02
N PHE B 79 -2.01 18.22 -7.00
CA PHE B 79 -1.99 17.31 -5.85
C PHE B 79 -0.55 16.98 -5.47
N LEU B 80 -0.37 16.48 -4.24
CA LEU B 80 0.92 16.04 -3.73
C LEU B 80 1.48 14.92 -4.60
N ARG B 81 2.73 15.08 -5.05
CA ARG B 81 3.40 14.17 -5.99
C ARG B 81 4.36 13.25 -5.28
N GLY B 82 5.09 13.82 -4.33
CA GLY B 82 6.21 13.15 -3.70
C GLY B 82 6.39 13.76 -2.34
N MET B 83 6.90 12.95 -1.42
CA MET B 83 7.21 13.34 -0.06
C MET B 83 8.49 12.62 0.30
N VAL B 84 9.52 13.39 0.66
CA VAL B 84 10.80 12.79 1.10
C VAL B 84 11.02 13.05 2.57
N MET B 85 11.30 11.97 3.32
CA MET B 85 11.37 12.01 4.78
C MET B 85 12.72 11.55 5.36
N TYR B 86 13.40 12.43 6.07
CA TYR B 86 14.72 12.15 6.65
C TYR B 86 14.61 11.92 8.13
N THR B 87 15.34 10.92 8.63
CA THR B 87 15.30 10.56 10.06
C THR B 87 16.56 10.98 10.83
N SER B 88 16.69 10.50 12.07
CA SER B 88 17.87 10.78 12.88
C SER B 88 18.81 9.59 12.99
N LYS B 89 18.49 8.50 12.29
CA LYS B 89 19.43 7.37 12.15
C LYS B 89 20.00 7.30 10.74
N ASP B 90 20.12 8.48 10.13
CA ASP B 90 20.55 8.62 8.76
C ASP B 90 19.80 7.76 7.70
N ARG B 91 18.49 7.52 7.90
CA ARG B 91 17.64 6.85 6.89
C ARG B 91 16.87 7.90 6.07
N TYR B 92 16.44 7.55 4.87
CA TYR B 92 15.38 8.35 4.21
C TYR B 92 14.25 7.51 3.62
N PHE B 93 13.05 8.08 3.64
CA PHE B 93 11.87 7.43 3.10
C PHE B 93 11.29 8.27 1.97
N TYR B 94 11.30 7.71 0.76
CA TYR B 94 10.92 8.43 -0.47
C TYR B 94 9.66 7.82 -1.11
N PHE B 95 8.57 8.61 -1.08
CA PHE B 95 7.29 8.19 -1.64
C PHE B 95 6.95 9.14 -2.75
N GLY B 96 6.33 8.63 -3.82
CA GLY B 96 5.97 9.42 -5.00
C GLY B 96 7.22 9.88 -5.71
N LYS B 97 7.14 11.04 -6.36
CA LYS B 97 8.35 11.65 -6.90
C LYS B 97 8.37 13.17 -6.76
N LEU B 98 9.55 13.66 -6.37
CA LEU B 98 9.80 15.06 -6.09
C LEU B 98 9.97 15.87 -7.38
N ASP B 99 8.86 16.31 -7.96
CA ASP B 99 8.89 17.39 -8.94
C ASP B 99 7.79 18.45 -8.64
N GLY B 100 7.60 19.43 -9.53
CA GLY B 100 6.64 20.50 -9.23
C GLY B 100 7.24 21.47 -8.25
N GLN B 101 6.48 21.82 -7.20
CA GLN B 101 6.86 22.86 -6.25
C GLN B 101 7.27 22.26 -4.94
N ILE B 102 8.53 22.38 -4.61
CA ILE B 102 9.07 21.73 -3.44
C ILE B 102 8.94 22.67 -2.23
N SER B 103 8.77 22.09 -1.04
CA SER B 103 8.80 22.85 0.20
C SER B 103 9.44 21.99 1.29
N SER B 104 10.18 22.64 2.20
CA SER B 104 10.77 21.97 3.39
C SER B 104 9.98 22.23 4.67
N ALA B 105 9.64 21.14 5.34
CA ALA B 105 9.16 21.20 6.73
C ALA B 105 10.24 20.72 7.72
N TYR B 106 10.47 21.51 8.76
CA TYR B 106 11.44 21.19 9.80
C TYR B 106 11.02 21.87 11.12
N PRO B 107 11.55 21.39 12.27
CA PRO B 107 11.18 22.03 13.53
C PRO B 107 11.88 23.37 13.71
N SER B 108 11.25 24.31 14.40
CA SER B 108 11.87 25.62 14.60
C SER B 108 13.06 25.50 15.57
N GLN B 109 13.10 24.39 16.31
CA GLN B 109 14.07 24.18 17.39
C GLN B 109 14.64 22.76 17.37
N GLU B 110 15.93 22.62 17.68
CA GLU B 110 16.56 21.31 17.60
C GLU B 110 16.22 20.41 18.78
N GLY B 111 16.24 19.11 18.53
CA GLY B 111 15.72 18.11 19.46
C GLY B 111 14.26 17.75 19.19
N GLN B 112 13.62 18.46 18.26
CA GLN B 112 12.21 18.22 17.96
C GLN B 112 12.01 17.23 16.80
N VAL B 113 10.87 16.53 16.83
CA VAL B 113 10.66 15.42 15.91
C VAL B 113 9.23 15.40 15.41
N LEU B 114 9.02 14.85 14.21
CA LEU B 114 7.68 14.73 13.66
C LEU B 114 6.77 14.03 14.66
N VAL B 115 5.68 14.70 15.03
CA VAL B 115 4.67 14.10 15.90
C VAL B 115 3.31 13.95 15.21
N GLY B 116 3.22 14.40 13.97
CA GLY B 116 1.95 14.38 13.27
C GLY B 116 1.92 15.10 11.94
N ILE B 117 0.75 15.03 11.29
CA ILE B 117 0.54 15.47 9.90
C ILE B 117 -0.91 15.95 9.79
N TYR B 118 -1.16 16.91 8.91
CA TYR B 118 -2.50 17.45 8.71
C TYR B 118 -2.57 18.15 7.37
N GLY B 119 -3.77 18.56 6.99
CA GLY B 119 -4.01 19.20 5.69
C GLY B 119 -5.38 18.95 5.06
N GLN B 120 -5.43 18.97 3.74
CA GLN B 120 -6.66 18.87 2.97
C GLN B 120 -6.51 17.90 1.82
N TYR B 121 -7.62 17.32 1.40
CA TYR B 121 -7.63 16.32 0.33
C TYR B 121 -9.00 16.29 -0.37
N GLN B 122 -8.99 15.91 -1.65
CA GLN B 122 -10.19 15.71 -2.50
C GLN B 122 -10.21 14.27 -3.01
N LEU B 123 -11.19 13.94 -3.87
CA LEU B 123 -11.35 12.57 -4.40
C LEU B 123 -10.09 11.95 -5.00
N LEU B 124 -9.34 12.75 -5.76
CA LEU B 124 -8.12 12.30 -6.44
C LEU B 124 -6.86 12.19 -5.55
N GLY B 125 -6.74 13.04 -4.51
CA GLY B 125 -5.57 12.97 -3.62
C GLY B 125 -5.42 14.08 -2.59
N ILE B 126 -4.23 14.18 -1.99
CA ILE B 126 -3.93 15.25 -1.04
C ILE B 126 -3.71 16.58 -1.78
N LYS B 127 -4.29 17.63 -1.23
CA LYS B 127 -4.29 18.93 -1.87
C LYS B 127 -3.31 19.86 -1.19
N SER B 128 -3.09 19.63 0.10
CA SER B 128 -2.14 20.41 0.91
C SER B 128 -1.68 19.58 2.10
N ILE B 129 -0.53 19.94 2.68
CA ILE B 129 0.02 19.18 3.82
C ILE B 129 0.76 20.06 4.81
N GLY B 130 0.68 19.69 6.10
CA GLY B 130 1.37 20.42 7.15
C GLY B 130 1.89 19.42 8.15
N PHE B 131 2.87 19.82 8.95
CA PHE B 131 3.57 18.88 9.85
C PHE B 131 3.66 19.40 11.29
N GLU B 132 3.64 18.46 12.24
CA GLU B 132 3.63 18.78 13.66
C GLU B 132 4.93 18.37 14.34
N TRP B 133 5.64 19.34 14.90
CA TRP B 133 6.91 19.10 15.59
C TRP B 133 6.77 19.32 17.08
N ASN B 134 7.54 18.56 17.85
CA ASN B 134 7.52 18.60 19.29
C ASN B 134 8.68 17.72 19.74
N TYR B 135 9.02 17.83 21.02
CA TYR B 135 10.04 16.96 21.57
C TYR B 135 9.40 15.59 21.80
N PRO B 136 10.18 14.50 21.60
CA PRO B 136 9.71 13.15 21.83
C PRO B 136 8.61 13.04 22.90
N LEU B 137 8.88 13.51 24.13
CA LEU B 137 7.93 13.45 25.27
C LEU B 137 7.52 12.02 25.59
N THR B 142 -0.44 22.78 30.71
CA THR B 142 -1.89 23.04 30.81
C THR B 142 -2.41 23.08 32.25
N GLU B 143 -1.93 24.07 33.00
CA GLU B 143 -2.26 24.24 34.41
C GLU B 143 -3.41 25.24 34.59
N PRO B 144 -4.44 24.86 35.39
CA PRO B 144 -5.59 25.71 35.66
C PRO B 144 -5.28 26.78 36.72
N PRO B 145 -6.19 27.77 36.91
CA PRO B 145 -5.97 28.69 38.03
C PRO B 145 -5.97 27.96 39.38
P PO4 C . 6.49 -9.23 7.05
O1 PO4 C . 6.79 -7.75 7.03
O2 PO4 C . 5.23 -9.54 7.85
O3 PO4 C . 6.30 -9.68 5.62
O4 PO4 C . 7.63 -10.05 7.65
P PO4 D . -4.09 4.57 -9.56
O1 PO4 D . -3.44 5.92 -9.34
O2 PO4 D . -3.10 3.45 -9.25
O3 PO4 D . -5.39 4.49 -8.73
O4 PO4 D . -4.37 4.36 -11.04
#